data_6UUX
#
_entry.id   6UUX
#
_cell.length_a   139.620
_cell.length_b   39.300
_cell.length_c   54.120
_cell.angle_alpha   90.000
_cell.angle_beta   90.000
_cell.angle_gamma   90.000
#
_symmetry.space_group_name_H-M   'P 21 21 2'
#
loop_
_entity.id
_entity.type
_entity.pdbx_description
1 polymer Sulfotransferase
2 non-polymer "ADENOSINE-3'-5'-DIPHOSPHATE"
3 non-polymer hycanthone
4 water water
#
_entity_poly.entity_id   1
_entity_poly.type   'polypeptide(L)'
_entity_poly.pdbx_seq_one_letter_code
;GAMIESSTTIQVISAGLPRTGTKSLKNALEIIYHKPCYHMFEIIFNKQSDIIKWQNLIHDSHMITTPPPLTTKTIAIYDK
LKELLDGYIATTDLPTCGFYKDLMNIYPNAKVLLTIRDKYDWLHSLRKVVLPKSNDPWKLKIEEGDKVLGLNSDFYKLTE
DSLKFAFQKDDLNFDDDQVLLECYDEYNRLVQETVPSDRLLVLRLGDGWEPLCKFLNVEIPNGIDYP(CAS)VNSHHQMT
QLTEQLIKYKSLDAIIHMFPDLI
;
_entity_poly.pdbx_strand_id   A
#
loop_
_chem_comp.id
_chem_comp.type
_chem_comp.name
_chem_comp.formula
A3P RNA linking ADENOSINE-3'-5'-DIPHOSPHATE 'C10 H15 N5 O10 P2'
QHM non-polymer hycanthone 'C20 H24 N2 O2 S'
#
# COMPACT_ATOMS: atom_id res chain seq x y z
N GLY A 1 -24.28 17.57 0.46
CA GLY A 1 -23.54 18.56 -0.27
C GLY A 1 -23.79 18.48 -1.77
N ALA A 2 -23.29 19.45 -2.51
CA ALA A 2 -23.42 19.43 -3.95
C ALA A 2 -22.47 18.41 -4.55
N MET A 3 -22.85 17.89 -5.71
CA MET A 3 -21.99 16.99 -6.47
C MET A 3 -21.10 17.81 -7.40
N ILE A 4 -19.79 17.55 -7.36
CA ILE A 4 -18.82 18.26 -8.17
C ILE A 4 -18.00 17.27 -8.99
N GLU A 5 -17.46 17.74 -10.10
CA GLU A 5 -16.78 16.85 -11.05
C GLU A 5 -15.29 16.78 -10.73
N SER A 6 -14.89 15.67 -10.13
CA SER A 6 -13.53 15.45 -9.65
C SER A 6 -12.62 15.00 -10.79
N SER A 7 -11.38 15.49 -10.76
CA SER A 7 -10.38 15.12 -11.76
C SER A 7 -9.82 13.72 -11.48
N THR A 8 -9.72 12.89 -12.53
CA THR A 8 -9.11 11.56 -12.41
C THR A 8 -7.59 11.70 -12.48
N THR A 9 -7.00 12.05 -11.34
CA THR A 9 -5.56 12.14 -11.16
C THR A 9 -5.29 11.83 -9.69
N ILE A 10 -4.02 11.60 -9.35
CA ILE A 10 -3.70 11.27 -7.96
C ILE A 10 -3.99 12.49 -7.08
N GLN A 11 -4.93 12.32 -6.16
CA GLN A 11 -5.34 13.37 -5.25
C GLN A 11 -4.93 13.11 -3.81
N VAL A 12 -4.62 11.86 -3.48
CA VAL A 12 -4.24 11.43 -2.14
C VAL A 12 -3.08 10.46 -2.27
N ILE A 13 -1.99 10.73 -1.57
CA ILE A 13 -0.81 9.87 -1.49
C ILE A 13 -0.74 9.36 -0.05
N SER A 14 -0.97 8.06 0.16
CA SER A 14 -0.86 7.51 1.51
C SER A 14 0.49 6.82 1.70
N ALA A 15 1.29 7.34 2.63
CA ALA A 15 2.62 6.82 2.90
C ALA A 15 2.64 5.66 3.88
N GLY A 16 1.49 5.24 4.39
CA GLY A 16 1.47 4.18 5.40
C GLY A 16 1.97 2.85 4.88
N LEU A 17 2.61 2.09 5.77
CA LEU A 17 3.17 0.78 5.45
C LEU A 17 2.08 -0.29 5.43
N PRO A 18 2.32 -1.43 4.78
CA PRO A 18 1.33 -2.52 4.84
C PRO A 18 1.07 -2.93 6.28
N ARG A 19 -0.16 -3.40 6.52
CA ARG A 19 -0.68 -3.82 7.82
C ARG A 19 -1.04 -2.66 8.73
N THR A 20 -1.31 -1.48 8.16
CA THR A 20 -1.74 -0.29 8.91
C THR A 20 -3.12 0.19 8.49
N GLY A 21 -3.91 -0.67 7.84
CA GLY A 21 -5.20 -0.28 7.34
C GLY A 21 -5.22 0.22 5.90
N THR A 22 -4.25 -0.18 5.07
CA THR A 22 -4.16 0.34 3.71
C THR A 22 -5.30 -0.14 2.82
N LYS A 23 -5.72 -1.41 2.97
CA LYS A 23 -6.79 -1.90 2.12
C LYS A 23 -8.13 -1.25 2.49
N SER A 24 -8.42 -1.12 3.79
CA SER A 24 -9.60 -0.37 4.18
C SER A 24 -9.56 1.04 3.63
N LEU A 25 -8.39 1.69 3.66
CA LEU A 25 -8.28 3.05 3.14
C LEU A 25 -8.47 3.08 1.63
N LYS A 26 -7.89 2.12 0.91
CA LYS A 26 -8.12 1.98 -0.52
C LYS A 26 -9.62 1.91 -0.81
N ASN A 27 -10.35 1.05 -0.08
CA ASN A 27 -11.79 0.92 -0.28
C ASN A 27 -12.51 2.23 0.08
N ALA A 28 -12.06 2.90 1.14
CA ALA A 28 -12.72 4.15 1.54
C ALA A 28 -12.54 5.23 0.48
N LEU A 29 -11.33 5.35 -0.08
CA LEU A 29 -11.11 6.34 -1.12
C LEU A 29 -11.92 6.05 -2.37
N GLU A 30 -12.13 4.75 -2.68
CA GLU A 30 -12.92 4.41 -3.86
C GLU A 30 -14.40 4.71 -3.64
N ILE A 31 -14.87 4.60 -2.40
CA ILE A 31 -16.23 5.00 -2.07
C ILE A 31 -16.39 6.51 -2.24
N ILE A 32 -15.37 7.29 -1.86
CA ILE A 32 -15.45 8.75 -1.96
C ILE A 32 -15.37 9.21 -3.41
N TYR A 33 -14.38 8.69 -4.16
CA TYR A 33 -14.03 9.28 -5.44
C TYR A 33 -14.61 8.56 -6.64
N HIS A 34 -15.06 7.32 -6.46
CA HIS A 34 -15.69 6.55 -7.53
C HIS A 34 -14.72 6.26 -8.67
N LYS A 35 -13.42 6.20 -8.35
CA LYS A 35 -12.37 5.85 -9.27
C LYS A 35 -11.37 5.01 -8.50
N PRO A 36 -10.49 4.27 -9.19
CA PRO A 36 -9.66 3.27 -8.50
C PRO A 36 -8.53 3.88 -7.68
N CYS A 37 -8.14 3.15 -6.62
CA CYS A 37 -7.02 3.52 -5.77
C CYS A 37 -5.98 2.40 -5.83
N TYR A 38 -4.70 2.77 -5.89
CA TYR A 38 -3.66 1.75 -5.99
C TYR A 38 -3.42 1.08 -4.63
N HIS A 39 -2.88 -0.14 -4.68
CA HIS A 39 -2.63 -0.99 -3.51
C HIS A 39 -1.90 -2.21 -4.03
N MET A 40 -1.25 -2.97 -3.13
CA MET A 40 -0.62 -4.20 -3.62
C MET A 40 -1.67 -5.13 -4.22
N PHE A 41 -2.89 -5.12 -3.69
CA PHE A 41 -3.94 -5.96 -4.27
C PHE A 41 -4.27 -5.56 -5.70
N GLU A 42 -4.09 -4.28 -6.06
CA GLU A 42 -4.29 -3.90 -7.46
C GLU A 42 -3.31 -4.65 -8.35
N ILE A 43 -2.06 -4.80 -7.90
CA ILE A 43 -1.10 -5.58 -8.66
C ILE A 43 -1.50 -7.05 -8.71
N ILE A 44 -1.91 -7.61 -7.56
CA ILE A 44 -2.19 -9.05 -7.47
C ILE A 44 -3.37 -9.41 -8.36
N PHE A 45 -4.41 -8.59 -8.36
CA PHE A 45 -5.67 -9.00 -8.97
C PHE A 45 -5.94 -8.37 -10.33
N ASN A 46 -5.32 -7.24 -10.65
CA ASN A 46 -5.64 -6.55 -11.90
C ASN A 46 -4.42 -6.23 -12.77
N LYS A 47 -3.26 -6.04 -12.17
CA LYS A 47 -2.13 -5.45 -12.88
C LYS A 47 -0.86 -6.27 -12.69
N GLN A 48 -0.94 -7.59 -12.82
CA GLN A 48 0.28 -8.39 -12.66
C GLN A 48 1.30 -8.06 -13.73
N SER A 49 0.85 -7.61 -14.90
CA SER A 49 1.77 -7.24 -15.96
C SER A 49 2.63 -6.04 -15.60
N ASP A 50 2.32 -5.31 -14.52
CA ASP A 50 3.13 -4.16 -14.14
C ASP A 50 4.16 -4.47 -13.06
N ILE A 51 4.25 -5.73 -12.61
CA ILE A 51 5.28 -6.13 -11.65
C ILE A 51 6.67 -5.74 -12.16
N ILE A 52 6.95 -6.09 -13.42
CA ILE A 52 8.29 -5.80 -14.01
C ILE A 52 8.52 -4.28 -14.09
N LYS A 53 7.51 -3.59 -14.17
CA LYS A 53 7.62 -2.12 -14.38
C LYS A 53 7.92 -1.45 -13.03
N TRP A 54 7.31 -1.98 -12.01
CA TRP A 54 7.62 -1.48 -10.64
C TRP A 54 9.07 -1.89 -10.31
N GLN A 55 9.47 -3.08 -10.70
CA GLN A 55 10.84 -3.51 -10.44
C GLN A 55 11.84 -2.62 -11.15
N ASN A 56 11.57 -2.28 -12.41
CA ASN A 56 12.49 -1.42 -13.16
C ASN A 56 12.58 -0.04 -12.52
N LEU A 57 11.45 0.46 -12.01
CA LEU A 57 11.44 1.77 -11.37
C LEU A 57 12.28 1.77 -10.12
N ILE A 58 12.15 0.73 -9.29
CA ILE A 58 12.97 0.61 -8.09
C ILE A 58 14.44 0.51 -8.47
N HIS A 59 14.74 -0.27 -9.52
CA HIS A 59 16.12 -0.41 -9.96
C HIS A 59 16.75 0.94 -10.27
N ASP A 60 16.00 1.83 -10.91
CA ASP A 60 16.54 3.14 -11.28
C ASP A 60 16.42 4.19 -10.20
N SER A 61 15.66 3.92 -9.14
CA SER A 61 15.29 4.97 -8.18
C SER A 61 16.47 5.52 -7.39
N HIS A 62 17.59 4.81 -7.33
CA HIS A 62 18.75 5.38 -6.65
C HIS A 62 19.24 6.65 -7.35
N MET A 63 18.99 6.77 -8.65
CA MET A 63 19.40 7.93 -9.44
C MET A 63 18.49 9.13 -9.24
N ILE A 64 17.47 9.03 -8.39
CA ILE A 64 16.59 10.17 -8.14
C ILE A 64 17.35 11.24 -7.36
N THR A 65 17.17 12.49 -7.78
CA THR A 65 17.64 13.66 -7.03
C THR A 65 16.44 14.41 -6.51
N THR A 66 16.40 14.65 -5.20
CA THR A 66 15.23 15.22 -4.55
C THR A 66 14.86 16.61 -5.07
N PRO A 69 15.86 21.35 -7.30
CA PRO A 69 15.31 21.29 -8.66
C PRO A 69 15.24 19.86 -9.20
N LEU A 70 14.97 19.73 -10.50
CA LEU A 70 14.70 18.43 -11.12
C LEU A 70 15.71 18.19 -12.23
N THR A 71 16.51 17.13 -12.07
CA THR A 71 17.45 16.73 -13.11
C THR A 71 16.74 15.97 -14.22
N THR A 72 17.50 15.58 -15.25
CA THR A 72 16.91 14.91 -16.40
C THR A 72 16.65 13.43 -16.13
N LYS A 73 17.48 12.78 -15.32
CA LYS A 73 17.24 11.38 -14.99
C LYS A 73 15.99 11.22 -14.14
N THR A 74 15.75 12.16 -13.22
CA THR A 74 14.56 12.08 -12.39
C THR A 74 13.29 12.23 -13.21
N ILE A 75 13.33 13.07 -14.25
CA ILE A 75 12.16 13.24 -15.11
C ILE A 75 11.77 11.91 -15.75
N ALA A 76 12.76 11.12 -16.19
CA ALA A 76 12.44 9.83 -16.77
C ALA A 76 11.77 8.90 -15.76
N ILE A 77 12.30 8.87 -14.53
CA ILE A 77 11.70 8.05 -13.48
C ILE A 77 10.31 8.57 -13.14
N TYR A 78 10.17 9.89 -13.05
CA TYR A 78 8.87 10.47 -12.73
C TYR A 78 7.83 10.13 -13.79
N ASP A 79 8.23 10.13 -15.07
CA ASP A 79 7.29 9.79 -16.13
C ASP A 79 6.81 8.35 -16.02
N LYS A 80 7.70 7.43 -15.65
CA LYS A 80 7.28 6.04 -15.53
C LYS A 80 6.34 5.86 -14.33
N LEU A 81 6.59 6.60 -13.26
CA LEU A 81 5.68 6.57 -12.11
C LEU A 81 4.30 7.10 -12.51
N LYS A 82 4.28 8.22 -13.24
CA LYS A 82 3.01 8.80 -13.66
C LYS A 82 2.26 7.84 -14.57
N GLU A 83 2.99 7.17 -15.47
CA GLU A 83 2.38 6.19 -16.34
C GLU A 83 1.75 5.04 -15.55
N LEU A 84 2.47 4.54 -14.55
CA LEU A 84 1.96 3.40 -13.79
C LEU A 84 0.66 3.73 -13.09
N LEU A 85 0.49 4.99 -12.72
CA LEU A 85 -0.66 5.41 -11.91
C LEU A 85 -1.76 6.06 -12.72
N ASP A 86 -1.65 6.06 -14.06
CA ASP A 86 -2.67 6.68 -14.90
C ASP A 86 -4.03 6.03 -14.64
N GLY A 87 -5.05 6.88 -14.46
CA GLY A 87 -6.39 6.39 -14.22
C GLY A 87 -6.74 6.18 -12.77
N TYR A 88 -5.80 6.32 -11.85
CA TYR A 88 -6.05 6.16 -10.42
C TYR A 88 -6.19 7.52 -9.75
N ILE A 89 -6.93 7.54 -8.64
CA ILE A 89 -7.15 8.78 -7.88
C ILE A 89 -6.37 8.82 -6.58
N ALA A 90 -5.67 7.75 -6.21
CA ALA A 90 -4.94 7.74 -4.94
C ALA A 90 -3.98 6.56 -4.95
N THR A 91 -3.00 6.63 -4.06
CA THR A 91 -2.07 5.53 -3.82
C THR A 91 -2.11 5.13 -2.35
N THR A 92 -2.01 3.82 -2.11
CA THR A 92 -1.74 3.26 -0.79
C THR A 92 -0.79 2.08 -0.97
N ASP A 93 -0.13 1.69 0.13
CA ASP A 93 0.57 0.41 0.24
C ASP A 93 1.91 0.37 -0.51
N LEU A 94 2.69 -0.68 -0.27
CA LEU A 94 3.77 -1.01 -1.19
C LEU A 94 3.15 -1.41 -2.53
N PRO A 95 3.86 -1.18 -3.64
CA PRO A 95 5.19 -0.57 -3.71
C PRO A 95 5.18 0.96 -3.74
N THR A 96 4.01 1.60 -3.80
CA THR A 96 3.98 3.06 -3.95
C THR A 96 4.47 3.81 -2.73
N CYS A 97 4.25 3.28 -1.52
CA CYS A 97 4.36 4.14 -0.34
C CYS A 97 5.77 4.72 -0.16
N GLY A 98 6.81 3.95 -0.50
CA GLY A 98 8.16 4.45 -0.36
C GLY A 98 8.52 5.58 -1.31
N PHE A 99 7.69 5.83 -2.33
CA PHE A 99 7.88 6.93 -3.27
C PHE A 99 7.11 8.18 -2.88
N TYR A 100 6.63 8.28 -1.63
CA TYR A 100 5.75 9.39 -1.26
C TYR A 100 6.36 10.75 -1.59
N LYS A 101 7.65 10.93 -1.33
CA LYS A 101 8.27 12.23 -1.58
C LYS A 101 8.29 12.56 -3.07
N ASP A 102 8.58 11.56 -3.90
CA ASP A 102 8.54 11.78 -5.35
C ASP A 102 7.12 12.00 -5.85
N LEU A 103 6.15 11.25 -5.31
CA LEU A 103 4.76 11.45 -5.69
C LEU A 103 4.29 12.86 -5.35
N MET A 104 4.80 13.43 -4.26
CA MET A 104 4.44 14.80 -3.90
C MET A 104 4.90 15.79 -4.96
N ASN A 105 6.07 15.54 -5.56
CA ASN A 105 6.56 16.40 -6.64
C ASN A 105 5.76 16.19 -7.92
N ILE A 106 5.44 14.94 -8.25
CA ILE A 106 4.72 14.67 -9.50
C ILE A 106 3.30 15.23 -9.43
N TYR A 107 2.67 15.13 -8.26
CA TYR A 107 1.28 15.54 -8.05
C TYR A 107 1.30 16.64 -7.00
N PRO A 108 1.67 17.86 -7.40
CA PRO A 108 1.85 18.93 -6.41
C PRO A 108 0.58 19.32 -5.70
N ASN A 109 -0.59 18.99 -6.25
CA ASN A 109 -1.87 19.30 -5.62
C ASN A 109 -2.47 18.13 -4.87
N ALA A 110 -1.73 17.03 -4.70
CA ALA A 110 -2.19 15.90 -3.91
C ALA A 110 -1.87 16.10 -2.45
N LYS A 111 -2.76 15.61 -1.59
CA LYS A 111 -2.53 15.63 -0.15
C LYS A 111 -1.99 14.28 0.29
N VAL A 112 -1.35 14.27 1.47
CA VAL A 112 -0.61 13.12 1.95
C VAL A 112 -1.23 12.60 3.25
N LEU A 113 -1.37 11.28 3.33
CA LEU A 113 -1.84 10.58 4.52
C LEU A 113 -0.74 9.67 5.04
N LEU A 114 -0.77 9.44 6.35
CA LEU A 114 0.08 8.41 6.96
C LEU A 114 -0.81 7.59 7.88
N THR A 115 -0.94 6.29 7.56
CA THR A 115 -1.65 5.37 8.43
C THR A 115 -0.64 4.72 9.38
N ILE A 116 -1.00 4.64 10.67
CA ILE A 116 -0.09 4.14 11.69
C ILE A 116 -0.88 3.34 12.72
N ARG A 117 -0.15 2.56 13.51
CA ARG A 117 -0.73 1.78 14.60
C ARG A 117 0.38 1.37 15.55
N ASP A 118 -0.04 0.75 16.66
CA ASP A 118 0.88 0.15 17.61
C ASP A 118 1.92 -0.72 16.89
N LYS A 119 3.20 -0.49 17.20
CA LYS A 119 4.27 -1.15 16.45
C LYS A 119 4.26 -2.66 16.65
N TYR A 120 3.87 -3.14 17.85
CA TYR A 120 3.86 -4.58 18.06
C TYR A 120 2.67 -5.24 17.38
N ASP A 121 1.50 -4.60 17.41
CA ASP A 121 0.37 -5.09 16.63
C ASP A 121 0.71 -5.15 15.15
N TRP A 122 1.40 -4.13 14.65
CA TRP A 122 1.84 -4.12 13.27
C TRP A 122 2.75 -5.31 12.98
N LEU A 123 3.76 -5.50 13.82
CA LEU A 123 4.72 -6.59 13.58
C LEU A 123 4.03 -7.94 13.58
N HIS A 124 3.13 -8.18 14.56
N HIS A 124 3.10 -8.17 14.52
CA HIS A 124 2.37 -9.43 14.62
CA HIS A 124 2.43 -9.46 14.58
C HIS A 124 1.57 -9.65 13.34
C HIS A 124 1.52 -9.67 13.38
N SER A 125 0.86 -8.60 12.91
CA SER A 125 0.05 -8.69 11.71
C SER A 125 0.92 -9.00 10.49
N LEU A 126 2.07 -8.31 10.38
CA LEU A 126 3.01 -8.56 9.29
C LEU A 126 3.45 -10.02 9.28
N ARG A 127 3.79 -10.57 10.46
CA ARG A 127 4.31 -11.94 10.52
C ARG A 127 3.23 -12.96 10.21
N LYS A 128 1.97 -12.65 10.46
CA LYS A 128 0.92 -13.61 10.16
C LYS A 128 0.54 -13.65 8.69
N VAL A 129 0.80 -12.58 7.93
CA VAL A 129 0.19 -12.41 6.62
C VAL A 129 1.22 -12.27 5.49
N VAL A 130 2.12 -11.31 5.61
CA VAL A 130 2.92 -10.91 4.46
C VAL A 130 4.40 -11.25 4.63
N LEU A 131 4.92 -11.34 5.85
CA LEU A 131 6.34 -11.60 6.07
C LEU A 131 6.54 -12.51 7.27
N PRO A 132 6.10 -13.76 7.20
CA PRO A 132 6.43 -14.70 8.27
C PRO A 132 7.93 -14.94 8.32
N LYS A 133 8.42 -15.33 9.51
CA LYS A 133 9.81 -15.74 9.62
C LYS A 133 10.07 -16.96 8.73
N SER A 134 11.32 -17.09 8.27
CA SER A 134 11.69 -18.08 7.27
C SER A 134 11.35 -19.50 7.70
N ASN A 135 11.40 -19.79 8.99
CA ASN A 135 11.18 -21.13 9.51
C ASN A 135 9.76 -21.34 9.96
N ASP A 136 8.88 -20.37 9.74
CA ASP A 136 7.48 -20.49 10.12
C ASP A 136 6.76 -21.37 9.10
N PRO A 137 6.17 -22.49 9.51
CA PRO A 137 5.49 -23.36 8.54
C PRO A 137 4.38 -22.68 7.77
N TRP A 138 3.75 -21.63 8.33
CA TRP A 138 2.72 -20.91 7.58
C TRP A 138 3.27 -20.32 6.29
N LYS A 139 4.57 -20.03 6.25
CA LYS A 139 5.17 -19.50 5.02
C LYS A 139 4.91 -20.42 3.83
N LEU A 140 4.94 -21.74 4.05
CA LEU A 140 4.71 -22.65 2.94
C LEU A 140 3.26 -22.59 2.46
N LYS A 141 2.33 -22.33 3.37
CA LYS A 141 0.93 -22.17 2.95
C LYS A 141 0.74 -20.90 2.14
N ILE A 142 1.33 -19.79 2.58
CA ILE A 142 1.27 -18.55 1.79
C ILE A 142 1.79 -18.81 0.38
N GLU A 143 2.94 -19.49 0.26
CA GLU A 143 3.50 -19.75 -1.06
C GLU A 143 2.59 -20.62 -1.92
N GLU A 144 1.88 -21.57 -1.30
CA GLU A 144 0.98 -22.41 -2.08
C GLU A 144 -0.22 -21.61 -2.60
N GLY A 145 -0.79 -20.76 -1.75
CA GLY A 145 -1.88 -19.90 -2.20
C GLY A 145 -1.42 -18.89 -3.24
N ASP A 146 -0.19 -18.40 -3.11
CA ASP A 146 0.33 -17.46 -4.09
C ASP A 146 0.39 -18.08 -5.46
N LYS A 147 0.79 -19.37 -5.54
CA LYS A 147 0.85 -20.03 -6.83
C LYS A 147 -0.52 -20.12 -7.48
N VAL A 148 -1.57 -20.31 -6.67
CA VAL A 148 -2.92 -20.32 -7.20
C VAL A 148 -3.27 -19.00 -7.87
N LEU A 149 -2.79 -17.88 -7.29
CA LEU A 149 -3.03 -16.55 -7.87
C LEU A 149 -2.10 -16.21 -9.01
N GLY A 150 -1.20 -17.10 -9.39
CA GLY A 150 -0.27 -16.80 -10.47
C GLY A 150 0.89 -15.93 -10.07
N LEU A 151 1.20 -15.83 -8.78
CA LEU A 151 2.31 -15.02 -8.30
C LEU A 151 3.57 -15.87 -8.28
N ASN A 152 4.60 -15.44 -9.03
CA ASN A 152 5.84 -16.20 -8.96
C ASN A 152 7.03 -15.42 -8.41
N SER A 153 8.23 -15.82 -8.79
CA SER A 153 9.43 -15.30 -8.13
C SER A 153 9.58 -13.79 -8.33
N ASP A 154 9.13 -13.25 -9.46
CA ASP A 154 9.25 -11.81 -9.67
C ASP A 154 8.37 -11.03 -8.71
N PHE A 155 7.22 -11.60 -8.30
CA PHE A 155 6.40 -10.95 -7.29
C PHE A 155 7.16 -10.85 -5.97
N TYR A 156 7.80 -11.96 -5.55
CA TYR A 156 8.53 -11.98 -4.29
C TYR A 156 9.71 -11.02 -4.31
N LYS A 157 10.31 -10.89 -5.45
CA LYS A 157 11.38 -9.91 -5.57
C LYS A 157 10.84 -8.49 -5.44
N LEU A 158 9.76 -8.17 -6.10
CA LEU A 158 9.20 -6.83 -6.05
C LEU A 158 8.77 -6.45 -4.65
N THR A 159 8.08 -7.35 -3.94
CA THR A 159 7.62 -7.01 -2.60
C THR A 159 8.79 -6.70 -1.68
N GLU A 160 9.78 -7.60 -1.67
CA GLU A 160 10.96 -7.38 -0.82
C GLU A 160 11.70 -6.12 -1.22
N ASP A 161 11.95 -5.94 -2.51
CA ASP A 161 12.72 -4.77 -2.94
C ASP A 161 11.96 -3.49 -2.65
N SER A 162 10.63 -3.51 -2.75
CA SER A 162 9.88 -2.29 -2.48
C SER A 162 9.90 -1.95 -0.99
N LEU A 163 9.94 -2.97 -0.13
CA LEU A 163 10.05 -2.69 1.31
C LEU A 163 11.45 -2.18 1.64
N LYS A 164 12.48 -2.76 1.03
CA LYS A 164 13.83 -2.25 1.22
C LYS A 164 13.94 -0.80 0.76
N PHE A 165 13.27 -0.48 -0.35
CA PHE A 165 13.29 0.90 -0.84
C PHE A 165 12.59 1.84 0.14
N ALA A 166 11.45 1.41 0.68
CA ALA A 166 10.72 2.25 1.63
C ALA A 166 11.54 2.52 2.89
N PHE A 167 12.28 1.52 3.36
CA PHE A 167 13.12 1.66 4.53
C PHE A 167 14.51 2.19 4.21
N GLN A 168 14.85 2.36 2.94
CA GLN A 168 16.16 2.83 2.50
C GLN A 168 17.29 1.97 3.08
N LYS A 169 17.16 0.65 2.90
CA LYS A 169 18.07 -0.31 3.51
C LYS A 169 18.13 -1.57 2.65
N ASP A 170 19.28 -1.82 2.00
CA ASP A 170 19.37 -3.03 1.19
C ASP A 170 19.68 -4.28 2.01
N ASP A 171 20.48 -4.15 3.07
CA ASP A 171 20.83 -5.28 3.92
C ASP A 171 19.79 -5.42 5.02
N LEU A 172 18.61 -5.93 4.65
CA LEU A 172 17.49 -6.02 5.58
C LEU A 172 17.31 -7.46 6.05
N ASN A 173 17.54 -7.70 7.33
CA ASN A 173 17.34 -9.04 7.92
C ASN A 173 15.85 -9.22 8.18
N PHE A 174 15.14 -9.79 7.20
CA PHE A 174 13.69 -9.93 7.33
C PHE A 174 13.28 -10.80 8.51
N ASP A 175 14.16 -11.68 8.98
CA ASP A 175 13.83 -12.54 10.11
C ASP A 175 14.08 -11.89 11.47
N ASP A 176 14.50 -10.63 11.50
CA ASP A 176 14.87 -9.96 12.75
C ASP A 176 13.78 -8.97 13.16
N ASP A 177 13.03 -9.32 14.21
CA ASP A 177 11.93 -8.47 14.65
C ASP A 177 12.41 -7.08 15.08
N GLN A 178 13.54 -7.02 15.78
CA GLN A 178 13.99 -5.72 16.29
C GLN A 178 14.37 -4.79 15.14
N VAL A 179 14.99 -5.34 14.09
CA VAL A 179 15.32 -4.56 12.90
C VAL A 179 14.06 -3.97 12.27
N LEU A 180 13.05 -4.83 12.07
CA LEU A 180 11.80 -4.37 11.45
C LEU A 180 11.11 -3.30 12.29
N LEU A 181 11.04 -3.48 13.61
CA LEU A 181 10.42 -2.47 14.46
C LEU A 181 11.16 -1.15 14.37
N GLU A 182 12.49 -1.19 14.38
CA GLU A 182 13.27 0.04 14.25
C GLU A 182 13.02 0.73 12.92
N CYS A 183 12.88 -0.05 11.85
CA CYS A 183 12.63 0.55 10.53
C CYS A 183 11.24 1.16 10.46
N TYR A 184 10.27 0.49 11.07
CA TYR A 184 8.90 1.01 11.13
C TYR A 184 8.85 2.35 11.83
N ASP A 185 9.46 2.44 13.01
CA ASP A 185 9.44 3.69 13.77
C ASP A 185 10.16 4.80 13.01
N GLU A 186 11.33 4.50 12.43
CA GLU A 186 12.08 5.51 11.71
C GLU A 186 11.36 5.96 10.45
N TYR A 187 10.71 5.02 9.75
CA TYR A 187 9.96 5.38 8.55
C TYR A 187 8.82 6.35 8.89
N ASN A 188 8.06 6.04 9.93
CA ASN A 188 6.92 6.88 10.28
C ASN A 188 7.38 8.23 10.78
N ARG A 189 8.51 8.26 11.51
N ARG A 189 8.51 8.27 11.50
CA ARG A 189 9.07 9.52 11.96
CA ARG A 189 9.05 9.55 11.96
C ARG A 189 9.49 10.39 10.78
C ARG A 189 9.51 10.40 10.79
N LEU A 190 10.14 9.77 9.79
CA LEU A 190 10.65 10.52 8.65
C LEU A 190 9.52 11.12 7.81
N VAL A 191 8.41 10.39 7.66
CA VAL A 191 7.26 10.94 6.95
C VAL A 191 6.79 12.23 7.61
N GLN A 192 6.61 12.18 8.94
CA GLN A 192 6.13 13.35 9.64
C GLN A 192 7.15 14.48 9.67
N GLU A 193 8.43 14.17 9.59
CA GLU A 193 9.45 15.20 9.51
C GLU A 193 9.51 15.83 8.12
N THR A 194 9.18 15.07 7.08
CA THR A 194 9.37 15.46 5.68
C THR A 194 8.19 16.23 5.10
N VAL A 195 6.96 15.81 5.40
CA VAL A 195 5.77 16.36 4.78
C VAL A 195 5.32 17.58 5.58
N PRO A 196 5.19 18.75 4.96
CA PRO A 196 4.64 19.91 5.69
C PRO A 196 3.29 19.57 6.29
N SER A 197 3.09 20.00 7.55
CA SER A 197 1.94 19.52 8.32
C SER A 197 0.61 19.94 7.69
N ASP A 198 0.60 21.06 6.97
CA ASP A 198 -0.61 21.45 6.23
C ASP A 198 -0.96 20.44 5.16
N ARG A 199 0.00 19.63 4.72
CA ARG A 199 -0.22 18.67 3.64
C ARG A 199 -0.37 17.25 4.14
N LEU A 200 -0.33 17.02 5.46
CA LEU A 200 -0.30 15.68 6.04
C LEU A 200 -1.47 15.47 7.00
N LEU A 201 -2.08 14.30 6.92
CA LEU A 201 -3.01 13.83 7.96
C LEU A 201 -2.54 12.47 8.43
N VAL A 202 -2.32 12.33 9.74
CA VAL A 202 -1.97 11.04 10.32
C VAL A 202 -3.24 10.35 10.79
N LEU A 203 -3.49 9.15 10.25
CA LEU A 203 -4.66 8.35 10.59
C LEU A 203 -4.20 7.15 11.40
N ARG A 204 -4.63 7.08 12.65
CA ARG A 204 -4.44 5.87 13.43
C ARG A 204 -5.58 4.90 13.13
N LEU A 205 -5.25 3.61 13.11
CA LEU A 205 -6.26 2.57 12.87
C LEU A 205 -7.47 2.79 13.76
N GLY A 206 -8.65 2.79 13.16
CA GLY A 206 -9.88 3.03 13.87
C GLY A 206 -10.40 4.44 13.81
N ASP A 207 -9.65 5.36 13.20
CA ASP A 207 -10.08 6.77 13.16
C ASP A 207 -11.34 6.97 12.32
N GLY A 208 -11.60 6.10 11.35
CA GLY A 208 -12.84 6.18 10.59
C GLY A 208 -12.91 7.31 9.58
N TRP A 209 -14.14 7.66 9.20
CA TRP A 209 -14.38 8.59 8.10
C TRP A 209 -14.00 10.03 8.45
N GLU A 210 -14.17 10.45 9.58
CA GLU A 210 -14.31 11.87 9.93
C GLU A 210 -13.07 12.70 9.62
N PRO A 211 -12.03 12.37 10.27
CA PRO A 211 -10.86 13.20 9.97
C PRO A 211 -10.45 13.13 8.51
N LEU A 212 -10.62 11.97 7.87
CA LEU A 212 -10.28 11.84 6.45
C LEU A 212 -11.15 12.73 5.59
N CYS A 213 -12.47 12.69 5.80
CA CYS A 213 -13.37 13.46 4.95
C CYS A 213 -13.20 14.96 5.16
N LYS A 214 -12.86 15.37 6.37
CA LYS A 214 -12.63 16.82 6.65
C LYS A 214 -11.36 17.26 5.91
N PHE A 215 -10.31 16.45 5.96
CA PHE A 215 -9.05 16.73 5.28
C PHE A 215 -9.27 16.87 3.77
N LEU A 216 -10.18 16.08 3.22
CA LEU A 216 -10.43 16.05 1.78
C LEU A 216 -11.58 16.93 1.31
N ASN A 217 -12.26 17.63 2.23
CA ASN A 217 -13.38 18.53 1.88
C ASN A 217 -14.53 17.80 1.19
N VAL A 218 -14.82 16.59 1.65
CA VAL A 218 -15.94 15.80 1.13
C VAL A 218 -16.89 15.44 2.26
N GLU A 219 -18.14 15.17 1.89
CA GLU A 219 -19.10 14.67 2.85
C GLU A 219 -18.77 13.25 3.25
N ILE A 220 -19.17 12.88 4.46
CA ILE A 220 -19.05 11.46 4.84
C ILE A 220 -20.06 10.65 4.03
N PRO A 221 -19.65 9.55 3.41
CA PRO A 221 -20.59 8.77 2.59
C PRO A 221 -21.78 8.32 3.43
N ASN A 222 -22.98 8.64 2.95
CA ASN A 222 -24.17 8.46 3.75
C ASN A 222 -24.55 6.98 3.84
N GLY A 223 -24.67 6.49 5.07
CA GLY A 223 -25.12 5.14 5.31
C GLY A 223 -24.08 4.06 5.11
N ILE A 224 -22.83 4.41 4.84
CA ILE A 224 -21.76 3.44 4.59
C ILE A 224 -20.79 3.49 5.76
N ASP A 225 -20.59 2.36 6.43
CA ASP A 225 -19.60 2.29 7.49
C ASP A 225 -18.21 2.37 6.89
N TYR A 226 -17.26 2.87 7.68
CA TYR A 226 -15.89 2.89 7.21
C TYR A 226 -15.39 1.45 7.05
N PRO A 227 -14.70 1.10 5.94
CA PRO A 227 -14.26 -0.26 5.71
C PRO A 227 -13.39 -0.87 6.83
N CAS A 228 -13.59 -2.16 7.09
CA CAS A 228 -12.82 -2.90 8.07
CB CAS A 228 -13.57 -3.13 9.37
C CAS A 228 -12.57 -4.21 7.38
O CAS A 228 -13.33 -5.17 7.56
SG CAS A 228 -12.43 -3.78 10.55
AS CAS A 228 -12.81 -5.99 10.45
CE1 CAS A 228 -11.46 -6.88 9.29
CE2 CAS A 228 -12.64 -6.74 12.29
N VAL A 229 -11.51 -4.28 6.58
CA VAL A 229 -11.20 -5.52 5.81
C VAL A 229 -9.70 -5.83 5.92
N ASN A 230 -9.35 -7.07 5.58
CA ASN A 230 -7.94 -7.46 5.49
C ASN A 230 -7.32 -7.74 6.86
N SER A 231 -8.12 -8.17 7.83
CA SER A 231 -7.55 -8.64 9.08
C SER A 231 -6.70 -9.88 8.83
N HIS A 232 -5.72 -10.12 9.72
CA HIS A 232 -4.89 -11.32 9.54
C HIS A 232 -5.73 -12.59 9.56
N HIS A 233 -6.80 -12.62 10.36
CA HIS A 233 -7.69 -13.78 10.36
C HIS A 233 -8.36 -13.97 9.01
N GLN A 234 -8.79 -12.88 8.37
CA GLN A 234 -9.46 -13.02 7.08
C GLN A 234 -8.48 -13.44 6.00
N MET A 235 -7.24 -12.96 6.07
CA MET A 235 -6.23 -13.37 5.11
C MET A 235 -5.87 -14.83 5.28
N THR A 236 -5.85 -15.32 6.52
CA THR A 236 -5.60 -16.75 6.73
C THR A 236 -6.67 -17.59 6.05
N GLN A 237 -7.93 -17.17 6.17
CA GLN A 237 -9.02 -17.86 5.49
C GLN A 237 -8.87 -17.79 3.98
N LEU A 238 -8.52 -16.62 3.44
CA LEU A 238 -8.30 -16.50 2.00
C LEU A 238 -7.22 -17.47 1.51
N THR A 239 -6.09 -17.52 2.21
CA THR A 239 -5.02 -18.45 1.85
C THR A 239 -5.51 -19.90 1.89
N GLU A 240 -6.19 -20.28 2.97
CA GLU A 240 -6.66 -21.66 3.08
C GLU A 240 -7.68 -21.99 1.99
N GLN A 241 -8.55 -21.03 1.66
CA GLN A 241 -9.56 -21.28 0.63
C GLN A 241 -8.94 -21.36 -0.76
N LEU A 242 -7.90 -20.57 -1.03
CA LEU A 242 -7.21 -20.67 -2.30
C LEU A 242 -6.58 -22.04 -2.47
N ILE A 243 -5.95 -22.54 -1.39
CA ILE A 243 -5.35 -23.87 -1.42
C ILE A 243 -6.42 -24.94 -1.62
N LYS A 244 -7.56 -24.80 -0.93
CA LYS A 244 -8.59 -25.84 -1.00
C LYS A 244 -9.23 -25.93 -2.38
N TYR A 245 -9.57 -24.78 -2.97
CA TYR A 245 -10.31 -24.78 -4.23
C TYR A 245 -9.42 -24.72 -5.47
N LYS A 246 -8.18 -24.26 -5.31
CA LYS A 246 -7.21 -24.17 -6.40
C LYS A 246 -7.60 -23.10 -7.43
N SER A 247 -8.46 -22.15 -7.07
CA SER A 247 -8.70 -21.02 -7.94
C SER A 247 -9.25 -19.85 -7.13
N LEU A 248 -9.10 -18.65 -7.69
CA LEU A 248 -9.71 -17.47 -7.10
C LEU A 248 -11.19 -17.37 -7.43
N ASP A 249 -11.57 -17.64 -8.68
CA ASP A 249 -12.95 -17.39 -9.07
C ASP A 249 -13.94 -18.34 -8.41
N ALA A 250 -13.48 -19.50 -7.93
CA ALA A 250 -14.35 -20.40 -7.18
C ALA A 250 -14.76 -19.80 -5.83
N ILE A 251 -13.97 -18.87 -5.28
CA ILE A 251 -14.21 -18.38 -3.93
C ILE A 251 -14.40 -16.88 -3.86
N ILE A 252 -14.26 -16.15 -4.96
CA ILE A 252 -14.20 -14.69 -4.86
C ILE A 252 -15.50 -14.09 -4.31
N HIS A 253 -16.63 -14.76 -4.53
CA HIS A 253 -17.91 -14.26 -4.03
C HIS A 253 -18.00 -14.33 -2.51
N MET A 254 -17.13 -15.10 -1.87
CA MET A 254 -17.07 -15.19 -0.42
C MET A 254 -16.23 -14.10 0.21
N PHE A 255 -15.58 -13.27 -0.60
CA PHE A 255 -14.71 -12.21 -0.12
C PHE A 255 -15.10 -10.90 -0.81
N PRO A 256 -16.33 -10.43 -0.59
CA PRO A 256 -16.89 -9.38 -1.46
C PRO A 256 -16.19 -8.05 -1.38
N ASP A 257 -15.67 -7.67 -0.22
CA ASP A 257 -15.03 -6.37 -0.08
C ASP A 257 -13.52 -6.46 -0.05
N LEU A 258 -12.99 -7.58 0.47
CA LEU A 258 -11.55 -7.74 0.52
C LEU A 258 -10.93 -7.72 -0.87
N ILE A 259 -11.62 -8.29 -1.85
CA ILE A 259 -11.05 -8.43 -3.19
C ILE A 259 -11.85 -7.65 -4.22
P1 A3P B . -4.76 -7.20 11.94
O1P A3P B . -4.08 -6.85 13.25
O2P A3P B . -3.91 -8.06 11.05
O3P A3P B . -6.18 -7.67 12.07
P2 A3P B . -3.50 -3.58 5.51
O4P A3P B . -2.65 -2.33 5.43
O5P A3P B . -2.73 -4.86 5.37
O6P A3P B . -4.81 -3.58 4.79
O5' A3P B . -3.93 -3.57 7.08
C5' A3P B . -4.78 -4.58 7.66
C4' A3P B . -4.77 -4.41 9.18
O4' A3P B . -5.56 -3.25 9.53
C3' A3P B . -5.43 -5.59 9.88
O3' A3P B . -4.83 -5.77 11.18
C2' A3P B . -6.87 -5.13 9.98
O2' A3P B . -7.62 -5.82 10.98
C1' A3P B . -6.68 -3.68 10.33
N9 A3P B . -7.85 -2.83 10.02
C8 A3P B . -8.27 -2.52 8.78
N7 A3P B . -9.36 -1.71 8.80
C5 A3P B . -9.61 -1.48 10.11
C6 A3P B . -10.62 -0.70 10.83
N6 A3P B . -11.55 -0.01 10.14
N1 A3P B . -10.54 -0.71 12.18
C2 A3P B . -9.60 -1.41 12.84
N3 A3P B . -8.65 -2.15 12.25
C4 A3P B . -8.62 -2.21 10.90
N1 QHM C . 1.76 -11.22 -0.55
C4 QHM C . 1.11 -7.13 0.56
C5 QHM C . 6.30 -6.98 1.90
C6 QHM C . 7.47 -7.69 2.02
C7 QHM C . 7.53 -9.00 1.64
C8 QHM C . 6.40 -9.63 1.15
C10 QHM C . 2.62 -9.04 0.32
C13 QHM C . 5.20 -8.94 1.01
C15 QHM C . 0.67 -12.00 -1.18
C17 QHM C . -1.71 -13.31 -1.79
C20 QHM C . -2.00 -15.98 -0.27
C9 QHM C . 3.97 -9.69 0.44
C3 QHM C . 0.09 -7.91 0.10
C2 QHM C . 0.26 -9.23 -0.26
C12 QHM C . 5.16 -7.62 1.40
C11 QHM C . 2.35 -7.69 0.68
C1 QHM C . 1.53 -9.80 -0.17
N2 QHM C . -0.88 -13.87 -0.73
C14 QHM C . 0.91 -5.68 0.97
O1 QHM C . 4.07 -11.03 0.10
C16 QHM C . -0.05 -12.82 -0.08
C18 QHM C . -2.86 -12.47 -1.21
C19 QHM C . -1.69 -14.57 0.25
O2 QHM C . -0.45 -5.37 1.00
S1 QHM C . 3.67 -6.62 1.27
#